data_5C1U
#
_entry.id   5C1U
#
_cell.length_a   63.541
_cell.length_b   64.215
_cell.length_c   75.403
_cell.angle_alpha   90.00
_cell.angle_beta   90.00
_cell.angle_gamma   90.00
#
_symmetry.space_group_name_H-M   'P 21 21 21'
#
loop_
_entity.id
_entity.type
_entity.pdbx_description
1 polymer '3C proteinase'
2 non-polymer (2S)-2-[[(E)-3-[4-(dimethylamino)phenyl]prop-2-enoyl]amino]-N-[(2S)-1-oxidanyl-3-[(3S)-2-oxidanylidenepyrrolidin-3-yl]propan-2-yl]-3-phenyl-propanamide
3 water water
#
_entity_poly.entity_id   1
_entity_poly.type   'polypeptide(L)'
_entity_poly.pdbx_seq_one_letter_code
;MGPSLDFALSLLRRNVRQVQTDQGHFTMLGVRDRLAVLPRHSQPGKTIWIEHKLVNILDAVELVDEQGVNLELTLITLDT
NEKFRDITKFIPENISTASDATLVINTEHMPSMFVPVGDVVQYGFLNLSGKPTHRTMMYNFPTKAGQCGGVVTSVGKVIG
IHIGGNGRQGFCAGLKRSYFASEQLEHHHHHH
;
_entity_poly.pdbx_strand_id   A,B
#
# COMPACT_ATOMS: atom_id res chain seq x y z
N MET A 1 9.15 -5.28 13.51
CA MET A 1 8.46 -5.53 12.16
C MET A 1 9.01 -6.83 11.67
N GLY A 2 8.12 -7.62 11.07
CA GLY A 2 8.47 -8.93 10.53
C GLY A 2 9.14 -8.92 9.18
N PRO A 3 9.54 -10.09 8.73
CA PRO A 3 10.47 -10.21 7.59
C PRO A 3 9.83 -9.96 6.25
N SER A 4 8.55 -10.35 6.06
CA SER A 4 7.91 -10.17 4.80
C SER A 4 7.61 -8.71 4.52
N LEU A 5 7.06 -7.98 5.52
CA LEU A 5 6.91 -6.60 5.32
C LEU A 5 8.25 -5.89 5.18
N ASP A 6 9.25 -6.23 5.97
CA ASP A 6 10.55 -5.62 5.82
C ASP A 6 11.12 -5.84 4.41
N PHE A 7 10.95 -7.01 3.87
CA PHE A 7 11.43 -7.30 2.52
C PHE A 7 10.76 -6.39 1.45
N ALA A 8 9.44 -6.28 1.57
CA ALA A 8 8.64 -5.48 0.55
C ALA A 8 8.95 -4.05 0.73
N LEU A 9 9.07 -3.56 1.95
CA LEU A 9 9.39 -2.14 2.13
C LEU A 9 10.80 -1.83 1.65
N SER A 10 11.72 -2.73 1.85
CA SER A 10 13.04 -2.57 1.31
C SER A 10 13.04 -2.59 -0.20
N LEU A 11 12.25 -3.44 -0.86
CA LEU A 11 12.07 -3.33 -2.29
C LEU A 11 11.57 -1.96 -2.74
N LEU A 12 10.55 -1.48 -2.03
CA LEU A 12 9.99 -0.13 -2.32
C LEU A 12 11.03 0.98 -2.14
N ARG A 13 11.96 0.84 -1.19
CA ARG A 13 12.94 1.95 -1.01
C ARG A 13 14.02 1.82 -2.10
N ARG A 14 14.49 0.61 -2.40
CA ARG A 14 15.74 0.46 -3.16
C ARG A 14 15.51 0.04 -4.63
N ASN A 15 14.42 -0.63 -5.02
CA ASN A 15 14.35 -1.18 -6.37
C ASN A 15 13.07 -0.89 -7.14
N VAL A 16 11.99 -0.53 -6.47
CA VAL A 16 10.69 -0.45 -7.10
C VAL A 16 10.26 1.01 -7.24
N ARG A 17 10.29 1.55 -8.48
CA ARG A 17 10.26 2.98 -8.70
C ARG A 17 8.94 3.40 -9.37
N GLN A 18 8.43 4.59 -9.00
CA GLN A 18 7.28 5.23 -9.68
C GLN A 18 7.72 5.82 -11.02
N VAL A 19 7.11 5.42 -12.11
CA VAL A 19 7.49 6.02 -13.41
C VAL A 19 6.27 6.42 -14.20
N GLN A 20 6.56 7.24 -15.21
CA GLN A 20 5.54 7.62 -16.16
CA GLN A 20 5.55 7.69 -16.15
C GLN A 20 6.14 7.64 -17.53
N THR A 21 5.40 7.05 -18.46
CA THR A 21 5.76 7.13 -19.89
C THR A 21 4.59 7.90 -20.61
N ASP A 22 4.68 7.95 -21.93
CA ASP A 22 3.57 8.54 -22.69
C ASP A 22 2.28 7.71 -22.49
N GLN A 23 2.41 6.41 -22.10
CA GLN A 23 1.27 5.49 -21.90
C GLN A 23 0.63 5.54 -20.51
N GLY A 24 1.20 6.33 -19.64
CA GLY A 24 0.65 6.51 -18.26
C GLY A 24 1.62 6.07 -17.16
N HIS A 25 1.05 5.79 -16.00
CA HIS A 25 1.80 5.49 -14.81
C HIS A 25 2.02 4.03 -14.65
N PHE A 26 3.25 3.66 -14.30
CA PHE A 26 3.64 2.26 -14.09
C PHE A 26 4.57 2.14 -12.92
N THR A 27 4.76 0.91 -12.44
CA THR A 27 5.79 0.58 -11.49
C THR A 27 6.94 0.02 -12.31
N MET A 28 8.18 0.40 -11.96
CA MET A 28 9.37 -0.12 -12.64
C MET A 28 10.23 -0.87 -11.65
N LEU A 29 10.70 -2.05 -11.99
CA LEU A 29 11.57 -2.78 -11.09
C LEU A 29 13.01 -2.66 -11.63
N GLY A 30 13.85 -2.01 -10.85
CA GLY A 30 15.29 -1.93 -11.11
C GLY A 30 15.93 -3.24 -10.60
N VAL A 31 16.67 -3.95 -11.48
CA VAL A 31 17.12 -5.30 -11.09
C VAL A 31 18.57 -5.36 -10.69
N ARG A 32 19.50 -4.72 -11.41
CA ARG A 32 20.90 -4.61 -11.05
C ARG A 32 21.53 -3.55 -11.90
N ASP A 33 22.69 -3.06 -11.46
CA ASP A 33 23.43 -2.14 -12.32
C ASP A 33 22.45 -1.05 -12.75
N ARG A 34 22.40 -0.81 -14.03
CA ARG A 34 21.46 0.25 -14.53
C ARG A 34 20.36 -0.37 -15.37
N LEU A 35 20.04 -1.64 -15.12
CA LEU A 35 19.05 -2.44 -15.84
C LEU A 35 17.71 -2.56 -15.06
N ALA A 36 16.64 -2.16 -15.72
CA ALA A 36 15.30 -2.24 -15.14
C ALA A 36 14.37 -2.91 -16.12
N VAL A 37 13.22 -3.30 -15.59
CA VAL A 37 12.20 -3.99 -16.41
C VAL A 37 10.86 -3.30 -16.28
N LEU A 38 10.17 -3.17 -17.42
CA LEU A 38 8.84 -2.63 -17.48
C LEU A 38 7.92 -3.52 -18.29
N PRO A 39 6.57 -3.40 -18.12
CA PRO A 39 5.68 -4.09 -19.08
C PRO A 39 5.87 -3.49 -20.45
N ARG A 40 5.91 -4.37 -21.47
CA ARG A 40 6.12 -3.89 -22.83
C ARG A 40 5.18 -2.79 -23.28
N HIS A 41 3.90 -2.87 -22.84
CA HIS A 41 2.91 -1.93 -23.32
C HIS A 41 3.07 -0.55 -22.74
N SER A 42 3.98 -0.40 -21.79
CA SER A 42 4.32 0.95 -21.29
C SER A 42 5.05 1.73 -22.34
N GLN A 43 5.65 1.08 -23.31
CA GLN A 43 6.28 1.72 -24.47
C GLN A 43 7.23 2.85 -24.08
N PRO A 44 8.25 2.49 -23.29
CA PRO A 44 9.21 3.52 -22.87
C PRO A 44 9.87 4.07 -24.12
N GLY A 45 10.14 5.35 -24.11
CA GLY A 45 10.79 5.95 -25.31
C GLY A 45 12.23 6.32 -25.00
N LYS A 46 12.65 7.49 -25.40
CA LYS A 46 14.06 7.88 -25.21
C LYS A 46 14.32 8.41 -23.83
N THR A 47 13.27 8.80 -23.12
CA THR A 47 13.45 9.27 -21.75
C THR A 47 12.27 8.75 -21.00
N ILE A 48 12.43 8.66 -19.68
CA ILE A 48 11.33 8.18 -18.83
C ILE A 48 11.35 9.03 -17.55
N TRP A 49 10.18 9.39 -17.06
CA TRP A 49 10.08 10.10 -15.80
C TRP A 49 10.25 9.04 -14.65
N ILE A 50 11.18 9.20 -13.74
CA ILE A 50 11.40 8.25 -12.65
C ILE A 50 11.33 9.11 -11.40
N GLU A 51 10.14 9.07 -10.74
CA GLU A 51 9.87 9.73 -9.40
C GLU A 51 9.91 11.24 -9.42
N HIS A 52 11.11 11.78 -9.62
CA HIS A 52 11.33 13.23 -9.48
C HIS A 52 12.22 13.81 -10.62
N LYS A 53 12.58 12.99 -11.61
CA LYS A 53 13.35 13.50 -12.67
C LYS A 53 13.26 12.70 -13.91
N LEU A 54 13.62 13.30 -15.04
CA LEU A 54 13.63 12.66 -16.31
C LEU A 54 14.95 11.99 -16.46
N VAL A 55 14.90 10.72 -16.86
CA VAL A 55 16.10 9.87 -17.00
C VAL A 55 16.19 9.37 -18.45
N ASN A 56 17.36 9.45 -19.07
CA ASN A 56 17.55 8.97 -20.43
C ASN A 56 17.65 7.45 -20.50
N ILE A 57 17.00 6.85 -21.46
CA ILE A 57 17.05 5.42 -21.71
C ILE A 57 18.11 5.15 -22.77
N LEU A 58 19.12 4.34 -22.43
CA LEU A 58 20.26 4.11 -23.35
C LEU A 58 19.94 2.91 -24.23
N ASP A 59 19.01 2.01 -23.88
CA ASP A 59 18.66 0.82 -24.69
C ASP A 59 17.39 0.19 -24.14
N ALA A 60 16.60 -0.41 -25.02
CA ALA A 60 15.35 -1.10 -24.62
C ALA A 60 15.27 -2.40 -25.43
N VAL A 61 15.04 -3.47 -24.72
CA VAL A 61 15.02 -4.83 -25.39
C VAL A 61 13.66 -5.42 -25.07
N GLU A 62 12.81 -5.67 -26.07
CA GLU A 62 11.48 -6.33 -25.86
C GLU A 62 11.75 -7.83 -25.96
N LEU A 63 11.45 -8.58 -24.88
CA LEU A 63 11.69 -10.00 -24.84
C LEU A 63 10.63 -10.80 -25.57
N VAL A 64 11.13 -11.72 -26.38
CA VAL A 64 10.32 -12.75 -27.03
C VAL A 64 10.90 -14.11 -26.74
N ASP A 65 10.09 -15.16 -26.95
CA ASP A 65 10.61 -16.54 -26.83
C ASP A 65 11.06 -17.10 -28.18
N GLU A 66 11.48 -18.36 -28.15
CA GLU A 66 12.03 -19.01 -29.39
C GLU A 66 10.99 -19.17 -30.50
N GLN A 67 9.71 -19.03 -30.20
CA GLN A 67 8.67 -19.09 -31.24
C GLN A 67 8.45 -17.66 -31.79
N GLY A 68 9.10 -16.63 -31.20
CA GLY A 68 8.87 -15.29 -31.64
C GLY A 68 7.73 -14.57 -30.96
N VAL A 69 7.23 -15.17 -29.90
CA VAL A 69 6.04 -14.63 -29.28
C VAL A 69 6.41 -13.66 -28.09
N ASN A 70 5.65 -12.62 -28.00
CA ASN A 70 5.79 -11.61 -26.94
C ASN A 70 5.85 -12.23 -25.54
N LEU A 71 6.78 -11.79 -24.69
CA LEU A 71 6.79 -12.11 -23.24
C LEU A 71 6.29 -10.93 -22.41
N GLU A 72 5.96 -9.81 -23.08
CA GLU A 72 5.38 -8.62 -22.43
C GLU A 72 6.36 -7.87 -21.45
N LEU A 73 7.64 -8.14 -21.64
CA LEU A 73 8.69 -7.53 -20.75
C LEU A 73 9.62 -6.75 -21.61
N THR A 74 9.95 -5.51 -21.19
CA THR A 74 10.96 -4.73 -21.90
C THR A 74 12.06 -4.38 -20.90
N LEU A 75 13.30 -4.74 -21.24
CA LEU A 75 14.48 -4.45 -20.37
C LEU A 75 15.05 -3.19 -20.84
N ILE A 76 15.17 -2.23 -19.92
CA ILE A 76 15.79 -0.93 -20.27
C ILE A 76 17.04 -0.67 -19.51
N THR A 77 18.03 -0.12 -20.19
CA THR A 77 19.29 0.32 -19.62
C THR A 77 19.19 1.80 -19.45
N LEU A 78 19.42 2.28 -18.24
CA LEU A 78 19.21 3.68 -17.92
C LEU A 78 20.46 4.48 -17.67
N ASP A 79 20.39 5.79 -17.92
CA ASP A 79 21.47 6.71 -17.58
C ASP A 79 21.18 7.23 -16.19
N THR A 80 21.15 6.29 -15.24
CA THR A 80 21.02 6.68 -13.79
C THR A 80 22.40 6.98 -13.18
N ASN A 81 22.41 7.75 -12.10
CA ASN A 81 23.62 8.10 -11.43
C ASN A 81 24.19 6.90 -10.72
N GLU A 82 23.29 6.20 -10.02
CA GLU A 82 23.67 5.11 -9.17
C GLU A 82 23.13 3.77 -9.66
N LYS A 83 23.84 2.68 -9.35
CA LYS A 83 23.39 1.33 -9.68
C LYS A 83 22.29 0.91 -8.68
N PHE A 84 21.39 0.12 -9.23
CA PHE A 84 20.38 -0.54 -8.37
C PHE A 84 21.09 -1.57 -7.48
N ARG A 85 20.52 -1.75 -6.27
CA ARG A 85 20.90 -2.97 -5.56
C ARG A 85 20.59 -4.19 -6.41
N ASP A 86 21.52 -5.17 -6.47
CA ASP A 86 21.32 -6.31 -7.33
C ASP A 86 20.36 -7.28 -6.63
N ILE A 87 19.17 -7.45 -7.21
CA ILE A 87 18.16 -8.34 -6.65
C ILE A 87 17.99 -9.58 -7.50
N THR A 88 18.92 -9.86 -8.41
CA THR A 88 18.80 -10.98 -9.30
C THR A 88 18.71 -12.31 -8.50
N LYS A 89 19.40 -12.34 -7.37
CA LYS A 89 19.32 -13.55 -6.53
C LYS A 89 17.91 -13.88 -6.02
N PHE A 90 17.06 -12.87 -5.90
CA PHE A 90 15.66 -13.08 -5.45
C PHE A 90 14.73 -13.54 -6.54
N ILE A 91 15.20 -13.58 -7.76
CA ILE A 91 14.37 -13.95 -8.94
C ILE A 91 14.62 -15.43 -9.12
N PRO A 92 13.59 -16.26 -9.17
CA PRO A 92 13.90 -17.73 -9.24
C PRO A 92 14.53 -18.09 -10.60
N GLU A 93 15.27 -19.19 -10.70
CA GLU A 93 15.86 -19.60 -11.96
C GLU A 93 14.87 -20.14 -13.01
N ASN A 94 13.72 -20.59 -12.58
CA ASN A 94 12.63 -20.86 -13.51
C ASN A 94 11.41 -20.09 -13.10
N ILE A 95 10.48 -19.95 -14.04
CA ILE A 95 9.26 -19.25 -13.72
C ILE A 95 8.52 -20.07 -12.69
N SER A 96 8.07 -19.46 -11.60
CA SER A 96 7.67 -20.24 -10.46
C SER A 96 6.40 -19.69 -9.90
N THR A 97 5.52 -20.60 -9.48
CA THR A 97 4.26 -20.33 -8.77
C THR A 97 4.56 -19.94 -7.33
N ALA A 98 3.49 -19.55 -6.62
CA ALA A 98 3.61 -19.18 -5.23
C ALA A 98 2.27 -19.28 -4.58
N SER A 99 2.26 -19.47 -3.28
CA SER A 99 1.11 -19.37 -2.47
C SER A 99 1.05 -17.97 -1.84
N ASP A 100 -0.13 -17.38 -1.79
CA ASP A 100 -0.35 -16.17 -0.93
C ASP A 100 0.70 -15.13 -1.29
N ALA A 101 0.86 -14.90 -2.59
CA ALA A 101 1.72 -13.78 -2.99
C ALA A 101 0.99 -12.40 -2.81
N THR A 102 1.84 -11.38 -2.73
CA THR A 102 1.40 -9.98 -2.71
C THR A 102 1.94 -9.22 -3.91
N LEU A 103 1.09 -8.40 -4.45
CA LEU A 103 1.49 -7.52 -5.59
C LEU A 103 1.84 -6.21 -5.00
N VAL A 104 3.05 -5.76 -5.24
CA VAL A 104 3.57 -4.50 -4.63
C VAL A 104 3.68 -3.52 -5.79
N ILE A 105 2.92 -2.45 -5.66
CA ILE A 105 2.82 -1.38 -6.67
C ILE A 105 3.42 -0.11 -6.15
N ASN A 106 3.97 0.71 -7.05
CA ASN A 106 4.48 2.01 -6.66
C ASN A 106 4.41 3.00 -7.77
N THR A 107 3.34 3.73 -7.84
CA THR A 107 3.17 4.80 -8.82
C THR A 107 2.82 6.08 -8.13
N GLU A 108 2.92 7.21 -8.90
CA GLU A 108 2.47 8.46 -8.25
C GLU A 108 1.02 8.40 -7.75
N HIS A 109 0.24 7.66 -8.46
CA HIS A 109 -1.21 7.55 -8.11
C HIS A 109 -1.45 6.45 -7.08
N MET A 110 -0.63 5.42 -7.01
CA MET A 110 -0.77 4.27 -6.09
C MET A 110 0.59 4.05 -5.43
N PRO A 111 0.97 4.92 -4.52
CA PRO A 111 2.27 4.78 -3.92
C PRO A 111 2.26 3.67 -2.89
N SER A 112 3.34 2.88 -2.79
CA SER A 112 3.58 1.89 -1.70
C SER A 112 2.32 1.01 -1.46
N MET A 113 1.78 0.48 -2.55
CA MET A 113 0.46 -0.18 -2.51
C MET A 113 0.61 -1.65 -2.45
N PHE A 114 -0.15 -2.34 -1.55
CA PHE A 114 -0.09 -3.76 -1.35
C PHE A 114 -1.39 -4.45 -1.66
N VAL A 115 -1.34 -5.33 -2.63
CA VAL A 115 -2.56 -6.00 -3.09
C VAL A 115 -2.44 -7.49 -2.86
N PRO A 116 -3.44 -8.10 -2.17
CA PRO A 116 -3.30 -9.48 -1.71
C PRO A 116 -3.78 -10.43 -2.80
N VAL A 117 -2.94 -10.62 -3.83
CA VAL A 117 -3.46 -11.39 -4.99
C VAL A 117 -3.66 -12.83 -4.72
N GLY A 118 -2.90 -13.33 -3.79
CA GLY A 118 -3.08 -14.71 -3.39
C GLY A 118 -2.25 -15.67 -4.21
N ASP A 119 -2.75 -16.89 -4.34
CA ASP A 119 -1.97 -17.94 -5.06
C ASP A 119 -1.77 -17.55 -6.48
N VAL A 120 -0.57 -17.85 -6.95
CA VAL A 120 -0.14 -17.50 -8.30
C VAL A 120 0.12 -18.81 -9.00
N VAL A 121 -0.59 -19.05 -10.10
CA VAL A 121 -0.52 -20.38 -10.77
C VAL A 121 -0.03 -20.19 -12.21
N GLN A 122 0.54 -21.25 -12.77
CA GLN A 122 0.95 -21.29 -14.16
C GLN A 122 -0.28 -21.04 -15.03
N TYR A 123 -0.11 -20.21 -16.04
CA TYR A 123 -1.18 -19.94 -16.98
C TYR A 123 -0.71 -20.18 -18.41
N GLY A 124 0.42 -19.60 -18.77
CA GLY A 124 0.99 -19.79 -20.11
C GLY A 124 0.49 -18.73 -21.09
N PHE A 125 -0.31 -19.13 -22.08
CA PHE A 125 -0.77 -18.28 -23.14
C PHE A 125 -1.84 -17.32 -22.65
N LEU A 126 -1.72 -16.07 -23.05
CA LEU A 126 -2.70 -15.05 -22.74
C LEU A 126 -2.85 -14.15 -23.91
N ASN A 127 -4.10 -13.86 -24.32
CA ASN A 127 -4.25 -12.87 -25.35
C ASN A 127 -4.80 -11.64 -24.71
N LEU A 128 -3.99 -10.58 -24.64
CA LEU A 128 -4.42 -9.39 -23.94
C LEU A 128 -4.44 -8.23 -24.92
N SER A 129 -5.59 -7.55 -24.94
CA SER A 129 -5.78 -6.41 -25.84
C SER A 129 -5.31 -6.75 -27.26
N GLY A 130 -5.53 -7.98 -27.73
CA GLY A 130 -5.14 -8.33 -29.10
C GLY A 130 -3.76 -8.94 -29.36
N LYS A 131 -2.85 -8.89 -28.37
CA LYS A 131 -1.49 -9.40 -28.54
C LYS A 131 -1.26 -10.71 -27.76
N PRO A 132 -0.87 -11.79 -28.45
CA PRO A 132 -0.51 -13.04 -27.76
C PRO A 132 0.70 -12.83 -26.89
N THR A 133 0.63 -13.42 -25.70
CA THR A 133 1.77 -13.37 -24.80
C THR A 133 1.96 -14.77 -24.26
N HIS A 134 3.19 -15.16 -24.01
CA HIS A 134 3.54 -16.42 -23.41
C HIS A 134 4.14 -16.25 -22.04
N ARG A 135 4.25 -17.34 -21.29
CA ARG A 135 4.92 -17.44 -19.99
C ARG A 135 4.27 -16.68 -18.85
N THR A 136 2.96 -16.47 -18.97
CA THR A 136 2.24 -15.79 -17.91
C THR A 136 1.84 -16.67 -16.77
N MET A 137 1.57 -15.99 -15.67
CA MET A 137 0.91 -16.63 -14.55
C MET A 137 -0.24 -15.85 -14.14
N MET A 138 -1.09 -16.45 -13.25
CA MET A 138 -2.42 -15.85 -13.01
C MET A 138 -2.75 -15.91 -11.55
N TYR A 139 -3.48 -14.91 -11.10
CA TYR A 139 -4.00 -14.87 -9.73
C TYR A 139 -5.43 -14.47 -9.81
N ASN A 140 -6.23 -15.08 -8.92
CA ASN A 140 -7.66 -14.80 -8.91
C ASN A 140 -7.96 -13.61 -8.04
N PHE A 141 -7.61 -12.44 -8.55
CA PHE A 141 -7.82 -11.15 -7.91
C PHE A 141 -8.23 -10.13 -8.98
N PRO A 142 -9.19 -9.24 -8.75
CA PRO A 142 -9.61 -8.29 -9.72
C PRO A 142 -8.69 -7.00 -9.78
N THR A 143 -7.49 -7.20 -10.36
CA THR A 143 -6.56 -6.11 -10.54
C THR A 143 -7.11 -5.08 -11.49
N LYS A 144 -6.56 -3.86 -11.45
CA LYS A 144 -7.11 -2.75 -12.22
C LYS A 144 -6.04 -1.96 -12.96
N ALA A 145 -6.48 -1.06 -13.82
CA ALA A 145 -5.62 -0.18 -14.58
C ALA A 145 -4.76 0.62 -13.56
N GLY A 146 -3.51 0.91 -13.94
CA GLY A 146 -2.59 1.60 -13.06
C GLY A 146 -1.67 0.71 -12.28
N GLN A 147 -1.96 -0.60 -12.26
CA GLN A 147 -1.18 -1.51 -11.48
C GLN A 147 -0.15 -2.30 -12.32
N CYS A 148 0.02 -1.95 -13.57
CA CYS A 148 1.00 -2.61 -14.38
C CYS A 148 2.47 -2.26 -14.03
N GLY A 149 3.27 -3.32 -13.99
CA GLY A 149 4.69 -3.22 -13.55
C GLY A 149 4.80 -3.59 -12.10
N GLY A 150 3.65 -3.72 -11.38
CA GLY A 150 3.74 -4.16 -10.01
C GLY A 150 4.47 -5.46 -9.87
N VAL A 151 5.14 -5.66 -8.77
CA VAL A 151 6.00 -6.78 -8.53
C VAL A 151 5.31 -7.85 -7.70
N VAL A 152 5.18 -9.01 -8.29
CA VAL A 152 4.52 -10.14 -7.58
C VAL A 152 5.57 -10.84 -6.72
N THR A 153 5.34 -10.85 -5.43
CA THR A 153 6.40 -11.26 -4.47
C THR A 153 5.86 -12.26 -3.47
N SER A 154 6.67 -13.20 -3.01
CA SER A 154 6.22 -14.14 -1.98
C SER A 154 7.48 -14.73 -1.38
N VAL A 155 7.52 -14.76 -0.06
CA VAL A 155 8.58 -15.37 0.78
C VAL A 155 10.00 -15.06 0.26
N GLY A 156 10.22 -13.79 0.03
CA GLY A 156 11.50 -13.30 -0.43
C GLY A 156 11.87 -13.54 -1.85
N LYS A 157 10.94 -13.91 -2.70
CA LYS A 157 11.15 -14.23 -4.09
C LYS A 157 10.33 -13.18 -4.91
N VAL A 158 10.91 -12.74 -5.99
CA VAL A 158 10.29 -11.73 -6.94
C VAL A 158 9.99 -12.55 -8.20
N ILE A 159 8.72 -12.82 -8.40
CA ILE A 159 8.36 -13.88 -9.39
C ILE A 159 7.70 -13.43 -10.65
N GLY A 160 7.24 -12.19 -10.73
CA GLY A 160 6.42 -11.77 -11.84
C GLY A 160 6.27 -10.27 -11.89
N ILE A 161 5.88 -9.75 -13.04
CA ILE A 161 5.57 -8.34 -13.20
C ILE A 161 4.13 -8.19 -13.77
N HIS A 162 3.24 -7.48 -13.06
CA HIS A 162 1.84 -7.36 -13.49
C HIS A 162 1.65 -6.77 -14.84
N ILE A 163 0.90 -7.46 -15.70
CA ILE A 163 0.63 -6.99 -17.06
C ILE A 163 -0.80 -6.86 -17.50
N GLY A 164 -1.76 -7.43 -16.77
CA GLY A 164 -3.11 -7.36 -17.39
C GLY A 164 -4.13 -7.98 -16.45
N GLY A 165 -5.41 -7.89 -16.85
CA GLY A 165 -6.47 -8.51 -15.96
C GLY A 165 -7.74 -8.47 -16.75
N ASN A 166 -8.73 -9.24 -16.35
CA ASN A 166 -9.95 -9.24 -17.14
C ASN A 166 -11.12 -8.89 -16.28
N GLY A 167 -10.85 -8.33 -15.10
CA GLY A 167 -11.90 -7.86 -14.22
C GLY A 167 -12.11 -8.77 -13.07
N ARG A 168 -11.79 -10.04 -13.18
CA ARG A 168 -11.87 -11.03 -12.14
C ARG A 168 -10.50 -11.62 -11.75
N GLN A 169 -9.59 -11.66 -12.75
CA GLN A 169 -8.32 -12.29 -12.55
C GLN A 169 -7.25 -11.28 -12.99
N GLY A 170 -6.04 -11.54 -12.48
CA GLY A 170 -4.87 -10.73 -12.85
C GLY A 170 -3.84 -11.62 -13.46
N PHE A 171 -2.96 -11.04 -14.28
CA PHE A 171 -1.91 -11.83 -14.90
C PHE A 171 -0.54 -11.12 -14.86
N CYS A 172 0.49 -11.89 -14.60
CA CYS A 172 1.87 -11.33 -14.68
C CYS A 172 2.63 -12.07 -15.78
N ALA A 173 3.64 -11.35 -16.27
CA ALA A 173 4.72 -11.92 -17.03
C ALA A 173 5.61 -12.62 -15.99
N GLY A 174 5.93 -13.89 -16.17
CA GLY A 174 6.80 -14.61 -15.25
C GLY A 174 8.21 -14.07 -15.38
N LEU A 175 8.90 -14.03 -14.24
CA LEU A 175 10.35 -13.64 -14.29
C LEU A 175 11.25 -14.88 -14.02
N LYS A 176 12.39 -14.94 -14.77
CA LYS A 176 13.41 -15.95 -14.47
C LYS A 176 14.72 -15.24 -14.45
N ARG A 177 15.60 -15.75 -13.62
CA ARG A 177 16.85 -15.02 -13.37
C ARG A 177 17.67 -14.83 -14.67
N SER A 178 17.56 -15.73 -15.65
CA SER A 178 18.40 -15.56 -16.85
C SER A 178 18.04 -14.36 -17.73
N TYR A 179 16.82 -13.80 -17.60
CA TYR A 179 16.43 -12.62 -18.43
C TYR A 179 17.42 -11.53 -18.03
N PHE A 180 17.98 -11.61 -16.83
CA PHE A 180 18.81 -10.47 -16.31
C PHE A 180 20.29 -10.76 -16.22
N ALA A 181 20.71 -11.87 -16.83
CA ALA A 181 22.16 -12.11 -17.03
C ALA A 181 22.76 -11.20 -18.13
N MET B 1 4.55 -16.52 5.08
CA MET B 1 4.37 -14.99 5.18
C MET B 1 4.49 -14.64 6.60
N GLY B 2 5.24 -13.58 6.88
CA GLY B 2 5.48 -13.15 8.20
C GLY B 2 4.24 -12.42 8.82
N PRO B 3 4.34 -12.11 10.13
CA PRO B 3 3.14 -11.62 10.84
C PRO B 3 2.82 -10.19 10.59
N SER B 4 3.80 -9.28 10.28
CA SER B 4 3.52 -7.90 10.07
C SER B 4 2.75 -7.79 8.76
N LEU B 5 3.19 -8.59 7.73
CA LEU B 5 2.48 -8.44 6.44
C LEU B 5 1.05 -9.06 6.50
N ASP B 6 0.99 -10.23 7.09
CA ASP B 6 -0.33 -10.87 7.24
C ASP B 6 -1.30 -10.03 8.04
N PHE B 7 -0.85 -9.48 9.18
CA PHE B 7 -1.77 -8.71 9.99
C PHE B 7 -2.16 -7.42 9.25
N ALA B 8 -1.18 -6.71 8.62
CA ALA B 8 -1.53 -5.47 7.96
C ALA B 8 -2.50 -5.76 6.79
N LEU B 9 -2.22 -6.79 5.99
CA LEU B 9 -3.25 -7.23 4.99
C LEU B 9 -4.63 -7.54 5.55
N SER B 10 -4.66 -8.20 6.66
CA SER B 10 -5.97 -8.49 7.24
C SER B 10 -6.63 -7.26 7.69
N LEU B 11 -5.89 -6.30 8.20
CA LEU B 11 -6.51 -5.02 8.55
C LEU B 11 -7.15 -4.34 7.39
N LEU B 12 -6.43 -4.32 6.25
CA LEU B 12 -7.11 -3.76 5.04
C LEU B 12 -8.34 -4.49 4.63
N ARG B 13 -8.30 -5.81 4.64
CA ARG B 13 -9.40 -6.56 4.15
C ARG B 13 -10.64 -6.37 5.08
N ARG B 14 -10.43 -6.34 6.40
CA ARG B 14 -11.56 -6.51 7.31
CA ARG B 14 -11.58 -6.51 7.29
C ARG B 14 -11.87 -5.23 8.02
N ASN B 15 -10.91 -4.29 8.19
CA ASN B 15 -11.16 -3.23 9.19
C ASN B 15 -10.88 -1.83 8.68
N VAL B 16 -10.06 -1.69 7.67
CA VAL B 16 -9.57 -0.30 7.32
C VAL B 16 -10.17 0.09 5.97
N ARG B 17 -11.01 1.12 5.99
CA ARG B 17 -11.80 1.44 4.81
CA ARG B 17 -11.84 1.45 4.83
C ARG B 17 -11.50 2.82 4.24
N GLN B 18 -11.74 2.97 2.94
CA GLN B 18 -11.58 4.27 2.26
C GLN B 18 -12.81 5.12 2.46
N VAL B 19 -12.70 6.33 2.99
CA VAL B 19 -13.88 7.14 3.22
C VAL B 19 -13.69 8.58 2.71
N GLN B 20 -14.83 9.26 2.55
CA GLN B 20 -14.85 10.68 2.19
C GLN B 20 -15.89 11.37 2.96
N THR B 21 -15.49 12.52 3.53
CA THR B 21 -16.47 13.38 4.21
C THR B 21 -16.40 14.71 3.45
N ASP B 22 -17.21 15.67 3.93
CA ASP B 22 -17.10 17.05 3.36
C ASP B 22 -15.70 17.67 3.58
N GLN B 23 -14.86 17.08 4.47
CA GLN B 23 -13.54 17.63 4.64
C GLN B 23 -12.45 16.99 3.82
N GLY B 24 -12.73 15.94 3.05
CA GLY B 24 -11.72 15.31 2.24
C GLY B 24 -11.71 13.78 2.44
N HIS B 25 -10.68 13.17 1.92
CA HIS B 25 -10.48 11.71 2.06
C HIS B 25 -9.74 11.35 3.33
N PHE B 26 -10.22 10.27 3.96
CA PHE B 26 -9.61 9.76 5.21
C PHE B 26 -9.60 8.25 5.13
N THR B 27 -8.79 7.69 6.00
CA THR B 27 -8.79 6.22 6.33
C THR B 27 -9.70 6.04 7.57
N MET B 28 -10.61 5.10 7.56
CA MET B 28 -11.46 4.81 8.73
C MET B 28 -11.10 3.45 9.30
N LEU B 29 -11.05 3.35 10.62
CA LEU B 29 -10.79 2.04 11.26
C LEU B 29 -12.09 1.56 11.86
N GLY B 30 -12.63 0.47 11.31
CA GLY B 30 -13.75 -0.22 11.93
C GLY B 30 -13.19 -1.08 13.07
N VAL B 31 -13.81 -0.98 14.25
CA VAL B 31 -13.24 -1.67 15.41
C VAL B 31 -14.00 -2.86 15.88
N ARG B 32 -15.32 -2.84 15.86
CA ARG B 32 -16.14 -4.04 16.15
C ARG B 32 -17.56 -3.68 15.83
N ASP B 33 -18.42 -4.67 15.59
CA ASP B 33 -19.88 -4.39 15.43
C ASP B 33 -20.02 -3.26 14.37
N ARG B 34 -20.76 -2.18 14.62
CA ARG B 34 -20.97 -1.09 13.67
C ARG B 34 -20.18 0.15 14.13
N LEU B 35 -19.16 -0.05 14.94
CA LEU B 35 -18.42 1.02 15.56
C LEU B 35 -17.12 1.24 14.91
N ALA B 36 -16.90 2.47 14.45
CA ALA B 36 -15.62 2.82 13.77
C ALA B 36 -15.09 4.13 14.36
N VAL B 37 -13.88 4.46 13.99
CA VAL B 37 -13.23 5.66 14.56
C VAL B 37 -12.58 6.41 13.45
N LEU B 38 -12.69 7.74 13.51
CA LEU B 38 -12.07 8.69 12.58
C LEU B 38 -11.40 9.79 13.33
N PRO B 39 -10.50 10.52 12.69
CA PRO B 39 -10.02 11.79 13.27
C PRO B 39 -11.18 12.78 13.44
N ARG B 40 -11.22 13.53 14.56
CA ARG B 40 -12.31 14.45 14.77
C ARG B 40 -12.44 15.54 13.70
N HIS B 41 -11.30 16.00 13.15
CA HIS B 41 -11.38 17.09 12.16
C HIS B 41 -11.91 16.62 10.85
N SER B 42 -12.11 15.31 10.65
CA SER B 42 -12.79 14.85 9.45
C SER B 42 -14.23 15.29 9.48
N GLN B 43 -14.76 15.64 10.61
CA GLN B 43 -16.11 16.16 10.74
C GLN B 43 -17.16 15.33 10.06
N PRO B 44 -17.19 14.03 10.38
CA PRO B 44 -18.16 13.14 9.66
C PRO B 44 -19.52 13.73 9.98
N GLY B 45 -20.35 13.82 8.98
CA GLY B 45 -21.62 14.53 9.30
C GLY B 45 -22.71 13.58 9.71
N LYS B 46 -23.80 13.78 9.04
CA LYS B 46 -24.98 12.92 9.19
C LYS B 46 -24.76 11.63 8.45
N THR B 47 -23.84 11.65 7.49
CA THR B 47 -23.62 10.54 6.58
C THR B 47 -22.19 10.58 6.13
N ILE B 48 -21.73 9.44 5.62
CA ILE B 48 -20.32 9.36 5.14
C ILE B 48 -20.18 8.40 3.95
N TRP B 49 -19.35 8.73 3.01
CA TRP B 49 -19.09 7.86 1.88
C TRP B 49 -18.08 6.80 2.31
N ILE B 50 -18.46 5.55 2.24
CA ILE B 50 -17.50 4.43 2.62
C ILE B 50 -17.36 3.53 1.41
N GLU B 51 -16.17 3.57 0.82
CA GLU B 51 -15.85 2.67 -0.34
C GLU B 51 -16.64 2.94 -1.55
N HIS B 52 -17.71 2.20 -1.75
CA HIS B 52 -18.56 2.31 -2.88
C HIS B 52 -20.00 2.75 -2.53
N LYS B 53 -20.25 3.36 -1.36
CA LYS B 53 -21.63 3.68 -0.92
C LYS B 53 -21.81 4.74 0.14
N LEU B 54 -22.92 5.51 0.16
CA LEU B 54 -23.29 6.43 1.23
C LEU B 54 -23.89 5.69 2.40
N VAL B 55 -23.21 5.88 3.54
CA VAL B 55 -23.67 5.23 4.82
C VAL B 55 -24.15 6.21 5.88
N ASN B 56 -25.35 6.04 6.47
CA ASN B 56 -25.89 6.87 7.52
C ASN B 56 -25.11 6.73 8.79
N ILE B 57 -24.75 7.80 9.44
CA ILE B 57 -24.18 7.73 10.77
C ILE B 57 -25.30 7.90 11.76
N LEU B 58 -25.37 6.99 12.72
CA LEU B 58 -26.46 7.01 13.72
C LEU B 58 -26.02 7.82 14.91
N ASP B 59 -24.74 7.89 15.15
CA ASP B 59 -24.23 8.59 16.34
C ASP B 59 -22.77 8.86 16.14
N ALA B 60 -22.34 9.97 16.72
CA ALA B 60 -20.94 10.43 16.68
C ALA B 60 -20.58 10.90 18.08
N VAL B 61 -19.50 10.40 18.61
CA VAL B 61 -19.06 10.72 19.99
C VAL B 61 -17.63 11.29 19.82
N GLU B 62 -17.41 12.56 20.16
CA GLU B 62 -16.09 13.22 20.07
C GLU B 62 -15.44 13.08 21.43
N LEU B 63 -14.36 12.32 21.52
CA LEU B 63 -13.75 11.96 22.79
C LEU B 63 -12.92 13.11 23.34
N VAL B 64 -13.10 13.36 24.64
CA VAL B 64 -12.26 14.33 25.42
C VAL B 64 -11.71 13.65 26.64
N ASP B 65 -10.66 14.27 27.22
CA ASP B 65 -10.14 13.72 28.45
C ASP B 65 -10.84 14.37 29.74
N GLU B 66 -10.28 14.07 30.93
CA GLU B 66 -10.90 14.48 32.24
C GLU B 66 -10.84 15.97 32.49
N GLN B 67 -10.06 16.74 31.72
CA GLN B 67 -10.05 18.19 31.80
C GLN B 67 -10.75 18.79 30.60
N GLY B 68 -11.46 17.99 29.76
CA GLY B 68 -12.10 18.58 28.60
C GLY B 68 -11.21 18.79 27.37
N VAL B 69 -10.00 18.25 27.37
CA VAL B 69 -9.09 18.43 26.20
C VAL B 69 -9.49 17.41 25.12
N ASN B 70 -9.65 17.93 23.91
CA ASN B 70 -9.86 17.15 22.71
C ASN B 70 -8.88 15.98 22.62
N LEU B 71 -9.40 14.77 22.31
CA LEU B 71 -8.51 13.61 22.00
C LEU B 71 -8.41 13.36 20.50
N GLU B 72 -9.10 14.17 19.69
CA GLU B 72 -9.00 14.11 18.21
C GLU B 72 -9.51 12.76 17.64
N LEU B 73 -10.44 12.16 18.35
CA LEU B 73 -11.11 10.95 17.86
C LEU B 73 -12.57 11.09 17.94
N THR B 74 -13.24 10.76 16.81
CA THR B 74 -14.70 10.63 16.82
C THR B 74 -15.04 9.17 16.68
N LEU B 75 -15.86 8.68 17.57
CA LEU B 75 -16.37 7.28 17.37
C LEU B 75 -17.70 7.39 16.66
N ILE B 76 -17.88 6.71 15.52
CA ILE B 76 -19.12 6.70 14.82
C ILE B 76 -19.83 5.35 14.82
N THR B 77 -21.14 5.33 15.02
CA THR B 77 -21.92 4.10 14.89
C THR B 77 -22.72 4.17 13.58
N LEU B 78 -22.46 3.18 12.72
CA LEU B 78 -22.92 3.19 11.32
C LEU B 78 -24.20 2.41 11.19
N ASP B 79 -25.07 2.87 10.30
CA ASP B 79 -26.25 2.07 9.88
C ASP B 79 -25.84 1.18 8.73
N THR B 80 -25.46 -0.02 9.09
CA THR B 80 -24.85 -0.92 8.07
C THR B 80 -25.03 -2.35 8.47
N ASN B 81 -25.04 -3.26 7.47
CA ASN B 81 -25.12 -4.70 7.76
C ASN B 81 -23.75 -5.26 8.02
N GLU B 82 -22.72 -4.46 7.73
CA GLU B 82 -21.42 -4.93 8.16
C GLU B 82 -21.27 -5.02 9.70
N LYS B 83 -20.60 -6.08 10.15
CA LYS B 83 -20.15 -6.19 11.52
C LYS B 83 -18.64 -6.25 11.32
N PHE B 84 -17.90 -5.22 11.72
CA PHE B 84 -16.43 -5.31 11.63
C PHE B 84 -15.88 -6.46 12.49
N ARG B 85 -14.88 -7.10 11.93
CA ARG B 85 -14.09 -8.06 12.76
C ARG B 85 -13.63 -7.32 14.02
N ASP B 86 -13.85 -7.93 15.21
CA ASP B 86 -13.55 -7.24 16.43
C ASP B 86 -12.01 -7.22 16.64
N ILE B 87 -11.41 -6.05 16.62
CA ILE B 87 -9.98 -5.93 16.83
C ILE B 87 -9.66 -5.32 18.19
N THR B 88 -10.68 -5.22 19.07
CA THR B 88 -10.40 -4.59 20.40
C THR B 88 -9.26 -5.31 21.14
N LYS B 89 -9.16 -6.62 20.97
CA LYS B 89 -8.10 -7.35 21.67
C LYS B 89 -6.74 -6.93 21.18
N PHE B 90 -6.61 -6.42 19.97
CA PHE B 90 -5.32 -5.97 19.42
C PHE B 90 -5.03 -4.50 19.79
N ILE B 91 -5.98 -3.85 20.48
CA ILE B 91 -5.72 -2.47 20.98
C ILE B 91 -5.22 -2.58 22.46
N PRO B 92 -4.15 -1.87 22.77
CA PRO B 92 -3.69 -2.08 24.18
C PRO B 92 -4.67 -1.49 25.21
N GLU B 93 -4.52 -1.94 26.47
CA GLU B 93 -5.36 -1.40 27.56
C GLU B 93 -5.01 0.03 27.91
N ASN B 94 -3.75 0.40 27.68
CA ASN B 94 -3.33 1.72 27.92
C ASN B 94 -2.50 2.16 26.76
N ILE B 95 -2.48 3.46 26.52
CA ILE B 95 -1.81 3.95 25.30
C ILE B 95 -0.37 3.52 25.25
N SER B 96 0.08 2.99 24.09
CA SER B 96 1.34 2.28 24.05
C SER B 96 2.21 2.77 22.93
N THR B 97 3.49 2.96 23.22
CA THR B 97 4.55 3.18 22.23
C THR B 97 4.84 1.97 21.40
N ALA B 98 5.70 2.12 20.42
CA ALA B 98 6.12 0.97 19.59
C ALA B 98 7.40 1.23 18.90
N SER B 99 8.07 0.18 18.49
CA SER B 99 9.29 0.26 17.71
C SER B 99 8.99 -0.09 16.27
N ASP B 100 9.58 0.67 15.33
CA ASP B 100 9.61 0.29 13.91
C ASP B 100 8.18 -0.08 13.40
N ALA B 101 7.32 0.91 13.59
CA ALA B 101 5.88 0.75 13.29
C ALA B 101 5.56 0.95 11.84
N THR B 102 4.35 0.47 11.47
CA THR B 102 3.78 0.64 10.11
C THR B 102 2.56 1.51 10.16
N LEU B 103 2.46 2.45 9.27
CA LEU B 103 1.23 3.25 9.15
C LEU B 103 0.49 2.67 7.92
N VAL B 104 -0.75 2.32 8.17
CA VAL B 104 -1.60 1.64 7.16
C VAL B 104 -2.63 2.68 6.71
N ILE B 105 -2.55 3.13 5.50
CA ILE B 105 -3.44 4.12 4.92
C ILE B 105 -4.30 3.51 3.82
N ASN B 106 -5.57 3.92 3.76
CA ASN B 106 -6.45 3.39 2.74
C ASN B 106 -7.51 4.40 2.33
N THR B 107 -7.22 5.15 1.28
CA THR B 107 -8.15 6.11 0.73
C THR B 107 -8.24 5.93 -0.77
N GLU B 108 -9.20 6.59 -1.38
CA GLU B 108 -9.36 6.47 -2.81
C GLU B 108 -8.06 6.93 -3.47
N HIS B 109 -7.42 7.94 -2.88
CA HIS B 109 -6.17 8.52 -3.49
C HIS B 109 -4.90 7.74 -3.10
N MET B 110 -4.86 7.14 -1.90
CA MET B 110 -3.67 6.37 -1.38
C MET B 110 -4.27 5.04 -0.97
N PRO B 111 -4.60 4.18 -1.92
CA PRO B 111 -5.26 2.94 -1.53
C PRO B 111 -4.28 1.90 -1.05
N SER B 112 -4.59 1.13 -0.01
CA SER B 112 -3.83 0.02 0.42
C SER B 112 -2.33 0.32 0.53
N MET B 113 -2.05 1.35 1.27
CA MET B 113 -0.70 1.92 1.34
C MET B 113 -0.06 1.57 2.67
N PHE B 114 1.15 1.10 2.71
CA PHE B 114 1.83 0.86 3.94
C PHE B 114 3.13 1.65 3.91
N VAL B 115 3.42 2.41 4.97
CA VAL B 115 4.71 3.08 5.10
C VAL B 115 5.34 2.85 6.46
N PRO B 116 6.66 2.78 6.52
CA PRO B 116 7.42 2.47 7.76
C PRO B 116 7.66 3.81 8.42
N VAL B 117 7.10 4.01 9.60
CA VAL B 117 7.27 5.33 10.25
C VAL B 117 8.32 5.32 11.39
N GLY B 118 9.02 4.21 11.61
CA GLY B 118 10.01 4.06 12.67
C GLY B 118 9.32 3.98 14.04
N ASP B 119 10.08 4.34 15.06
CA ASP B 119 9.57 4.31 16.41
C ASP B 119 8.52 5.33 16.72
N VAL B 120 7.52 4.91 17.51
CA VAL B 120 6.35 5.74 17.90
C VAL B 120 6.56 6.03 19.39
N VAL B 121 6.70 7.30 19.72
CA VAL B 121 7.12 7.73 21.07
C VAL B 121 6.02 8.52 21.76
N GLN B 122 6.07 8.56 23.08
CA GLN B 122 5.08 9.36 23.82
C GLN B 122 5.28 10.82 23.48
N TYR B 123 4.18 11.55 23.30
CA TYR B 123 4.23 12.97 23.00
C TYR B 123 3.32 13.77 23.92
N GLY B 124 2.08 13.36 24.08
CA GLY B 124 1.13 14.01 25.05
C GLY B 124 0.41 15.18 24.44
N PHE B 125 0.52 16.34 25.08
CA PHE B 125 -0.20 17.51 24.71
C PHE B 125 0.32 18.05 23.37
N LEU B 126 -0.56 18.51 22.47
CA LEU B 126 -0.14 18.92 21.13
C LEU B 126 -1.14 19.97 20.64
N ASN B 127 -0.70 21.07 20.06
CA ASN B 127 -1.68 22.01 19.49
C ASN B 127 -1.67 21.83 17.96
N LEU B 128 -2.75 21.30 17.38
CA LEU B 128 -2.72 21.30 15.91
C LEU B 128 -3.79 22.24 15.41
N SER B 129 -3.37 23.12 14.50
CA SER B 129 -4.31 24.00 13.78
C SER B 129 -5.15 24.76 14.85
N GLY B 130 -4.46 25.17 15.94
CA GLY B 130 -5.01 26.00 16.97
C GLY B 130 -5.87 25.29 17.98
N LYS B 131 -5.89 23.95 17.92
CA LYS B 131 -6.73 23.18 18.82
C LYS B 131 -5.86 22.33 19.72
N PRO B 132 -5.99 22.49 21.02
CA PRO B 132 -5.29 21.70 22.03
C PRO B 132 -5.75 20.25 21.91
N THR B 133 -4.82 19.30 21.99
CA THR B 133 -5.12 17.87 21.88
C THR B 133 -4.22 17.11 22.86
N HIS B 134 -4.71 16.04 23.44
CA HIS B 134 -3.93 15.27 24.36
C HIS B 134 -3.80 13.81 23.91
N ARG B 135 -2.98 13.05 24.65
CA ARG B 135 -2.72 11.62 24.48
C ARG B 135 -2.13 11.31 23.11
N THR B 136 -1.31 12.19 22.60
CA THR B 136 -0.73 11.96 21.22
C THR B 136 0.56 11.25 21.32
N MET B 137 0.93 10.56 20.21
CA MET B 137 2.25 10.03 20.07
C MET B 137 2.78 10.49 18.77
N MET B 138 4.12 10.33 18.62
CA MET B 138 4.85 10.97 17.55
C MET B 138 5.78 9.98 16.88
N TYR B 139 5.95 10.17 15.55
CA TYR B 139 6.97 9.44 14.74
C TYR B 139 7.65 10.36 13.84
N ASN B 140 8.93 10.05 13.55
CA ASN B 140 9.71 10.94 12.69
C ASN B 140 9.56 10.52 11.25
N PHE B 141 8.40 10.85 10.65
CA PHE B 141 8.10 10.50 9.27
C PHE B 141 7.37 11.68 8.64
N PRO B 142 7.68 12.09 7.43
CA PRO B 142 7.02 13.26 6.79
C PRO B 142 5.60 12.91 6.25
N THR B 143 4.67 12.71 7.21
CA THR B 143 3.32 12.44 6.81
C THR B 143 2.73 13.68 6.13
N LYS B 144 1.68 13.48 5.34
CA LYS B 144 1.06 14.56 4.57
C LYS B 144 -0.46 14.51 4.60
N ALA B 145 -1.04 15.57 4.07
CA ALA B 145 -2.47 15.67 3.80
C ALA B 145 -2.93 14.39 3.06
N GLY B 146 -4.09 13.92 3.48
CA GLY B 146 -4.59 12.70 2.88
C GLY B 146 -4.28 11.46 3.64
N GLN B 147 -3.40 11.53 4.63
CA GLN B 147 -3.01 10.32 5.42
C GLN B 147 -3.72 10.30 6.77
N CYS B 148 -4.56 11.22 7.08
CA CYS B 148 -5.26 11.14 8.35
C CYS B 148 -6.27 10.05 8.46
N GLY B 149 -6.29 9.46 9.66
CA GLY B 149 -7.03 8.26 9.92
C GLY B 149 -6.15 7.00 9.68
N GLY B 150 -4.96 7.14 9.08
CA GLY B 150 -4.09 6.01 8.88
C GLY B 150 -3.78 5.35 10.24
N VAL B 151 -3.76 4.05 10.19
CA VAL B 151 -3.65 3.20 11.40
C VAL B 151 -2.23 2.84 11.75
N VAL B 152 -1.80 3.20 12.93
CA VAL B 152 -0.47 2.94 13.42
C VAL B 152 -0.46 1.62 14.13
N THR B 153 0.36 0.74 13.59
CA THR B 153 0.38 -0.67 14.10
C THR B 153 1.78 -1.24 14.19
N SER B 154 1.98 -2.15 15.14
CA SER B 154 3.25 -2.85 15.24
C SER B 154 3.06 -4.28 15.71
N VAL B 155 3.35 -5.20 14.80
CA VAL B 155 3.26 -6.66 14.97
C VAL B 155 2.03 -7.11 15.81
N GLY B 156 0.89 -6.78 15.31
CA GLY B 156 -0.34 -7.17 15.86
C GLY B 156 -0.93 -6.25 16.90
N LYS B 157 -0.34 -5.09 17.19
CA LYS B 157 -0.97 -4.13 18.10
C LYS B 157 -1.42 -2.92 17.26
N VAL B 158 -2.64 -2.43 17.59
CA VAL B 158 -3.21 -1.27 16.85
C VAL B 158 -3.13 -0.18 17.92
N ILE B 159 -2.26 0.78 17.67
CA ILE B 159 -1.88 1.74 18.71
C ILE B 159 -2.28 3.18 18.49
N GLY B 160 -2.73 3.61 17.30
CA GLY B 160 -2.98 5.00 17.10
C GLY B 160 -3.65 5.23 15.77
N ILE B 161 -4.21 6.42 15.64
CA ILE B 161 -4.81 6.98 14.40
C ILE B 161 -4.05 8.20 14.00
N HIS B 162 -3.55 8.25 12.78
CA HIS B 162 -2.83 9.46 12.36
C HIS B 162 -3.74 10.75 12.31
N ILE B 163 -3.28 11.82 12.95
CA ILE B 163 -4.04 13.05 13.08
C ILE B 163 -3.36 14.33 12.59
N GLY B 164 -2.04 14.32 12.37
CA GLY B 164 -1.43 15.66 11.95
C GLY B 164 0.05 15.51 11.77
N GLY B 165 0.70 16.62 11.44
CA GLY B 165 2.16 16.54 11.29
C GLY B 165 2.69 17.93 11.04
N ASN B 166 4.00 18.07 11.02
CA ASN B 166 4.62 19.38 10.82
C ASN B 166 5.55 19.41 9.61
N GLY B 167 5.48 18.41 8.74
CA GLY B 167 6.38 18.32 7.60
C GLY B 167 7.45 17.32 7.77
N ARG B 168 7.96 17.15 9.00
CA ARG B 168 9.02 16.23 9.32
C ARG B 168 8.56 15.10 10.21
N GLN B 169 7.52 15.37 11.03
CA GLN B 169 7.05 14.41 11.99
C GLN B 169 5.55 14.28 11.83
N GLY B 170 5.08 13.12 12.25
CA GLY B 170 3.64 12.74 12.27
C GLY B 170 3.24 12.53 13.70
N PHE B 171 1.99 12.77 13.92
CA PHE B 171 1.31 12.61 15.23
C PHE B 171 0.05 11.77 15.14
N CYS B 172 -0.07 10.81 16.05
CA CYS B 172 -1.34 10.06 16.20
C CYS B 172 -2.08 10.29 17.46
N ALA B 173 -3.41 10.12 17.44
CA ALA B 173 -4.18 9.98 18.68
C ALA B 173 -3.96 8.59 19.19
N GLY B 174 -3.62 8.40 20.44
CA GLY B 174 -3.38 7.09 20.98
C GLY B 174 -4.67 6.33 21.11
N LEU B 175 -4.58 5.00 20.90
CA LEU B 175 -5.80 4.19 21.10
C LEU B 175 -5.64 3.36 22.37
N LYS B 176 -6.73 3.31 23.18
CA LYS B 176 -6.81 2.37 24.28
C LYS B 176 -8.12 1.64 24.20
N ARG B 177 -8.09 0.41 24.68
CA ARG B 177 -9.22 -0.46 24.56
C ARG B 177 -10.53 0.06 25.09
N SER B 178 -10.45 0.76 26.22
CA SER B 178 -11.62 1.21 26.88
C SER B 178 -12.40 2.25 26.10
N TYR B 179 -11.77 2.81 25.10
CA TYR B 179 -12.54 3.72 24.23
C TYR B 179 -13.69 2.97 23.52
N PHE B 180 -13.48 1.68 23.30
CA PHE B 180 -14.29 0.86 22.40
C PHE B 180 -15.08 -0.20 23.15
N ALA B 181 -15.04 -0.15 24.46
CA ALA B 181 -15.61 -1.20 25.29
C ALA B 181 -17.15 -1.22 25.42
#